data_1YLM
#
_entry.id   1YLM
#
_cell.length_a   71.914
_cell.length_b   72.081
_cell.length_c   76.552
_cell.angle_alpha   90.00
_cell.angle_beta   115.24
_cell.angle_gamma   90.00
#
_symmetry.space_group_name_H-M   'C 1 2 1'
#
loop_
_entity.id
_entity.type
_entity.pdbx_description
1 polymer 'hypothetical protein BSU32300'
2 water water
#
_entity_poly.entity_id   1
_entity_poly.type   'polypeptide(L)'
_entity_poly.pdbx_seq_one_letter_code
;(MSE)YFVDRSKIEKTLGFFEHQLALFDSQTDWQSEIGELALQRIGHLLIECILDTGND(MSE)IDGFI(MSE)RDPGSY
DDI(MSE)DILVDEKVVTEKEGDELKKLIAYRKTLVQQYLLADSGELYRLIKAHQTALQDFPKRIRSYLETELGPVSAFK
;
_entity_poly.pdbx_strand_id   A,B
#
# COMPACT_ATOMS: atom_id res chain seq x y z
N MSE A 1 -3.73 28.97 19.45
CA MSE A 1 -3.58 27.77 20.33
C MSE A 1 -3.43 26.43 19.58
O MSE A 1 -2.44 25.71 19.77
CB MSE A 1 -4.76 27.71 21.33
CG MSE A 1 -4.60 26.65 22.39
SE MSE A 1 -2.98 26.70 23.14
CE MSE A 1 -2.73 24.96 23.42
N TYR A 2 -4.43 26.10 18.75
CA TYR A 2 -4.36 24.89 17.92
C TYR A 2 -4.09 25.25 16.47
N PHE A 3 -3.08 24.62 15.91
CA PHE A 3 -2.76 24.74 14.50
C PHE A 3 -3.02 23.36 13.88
N VAL A 4 -4.16 23.26 13.22
CA VAL A 4 -4.67 22.01 12.70
C VAL A 4 -4.57 22.05 11.18
N ASP A 5 -4.04 20.99 10.57
CA ASP A 5 -3.94 20.91 9.11
C ASP A 5 -5.31 20.58 8.51
N ARG A 6 -6.21 21.53 8.60
CA ARG A 6 -7.60 21.28 8.33
C ARG A 6 -7.85 20.97 6.85
N SER A 7 -7.12 21.65 5.98
CA SER A 7 -7.16 21.37 4.53
C SER A 7 -6.83 19.90 4.21
N LYS A 8 -5.72 19.41 4.77
CA LYS A 8 -5.29 18.03 4.59
C LYS A 8 -6.35 17.07 5.10
N ILE A 9 -6.87 17.32 6.30
CA ILE A 9 -7.85 16.42 6.92
C ILE A 9 -9.09 16.38 6.04
N GLU A 10 -9.59 17.55 5.66
CA GLU A 10 -10.85 17.56 4.97
C GLU A 10 -10.89 17.08 3.49
N LYS A 11 -9.91 17.45 2.68
CA LYS A 11 -9.32 16.55 1.66
C LYS A 11 -9.27 15.05 1.81
N THR A 12 -8.64 14.57 2.87
CA THR A 12 -8.59 13.13 3.01
C THR A 12 -9.92 12.50 3.42
N LEU A 13 -10.76 13.23 4.16
CA LEU A 13 -12.12 12.77 4.46
C LEU A 13 -12.98 12.61 3.20
N GLY A 14 -12.88 13.57 2.28
CA GLY A 14 -13.61 13.47 0.99
C GLY A 14 -13.17 12.27 0.18
N PHE A 15 -11.85 12.06 0.10
CA PHE A 15 -11.27 10.91 -0.59
C PHE A 15 -11.78 9.61 0.03
N PHE A 16 -11.66 9.53 1.35
CA PHE A 16 -12.22 8.41 2.14
C PHE A 16 -13.67 8.09 1.77
N GLU A 17 -14.52 9.11 1.79
CA GLU A 17 -15.93 8.92 1.50
C GLU A 17 -16.15 8.37 0.08
N HIS A 18 -15.37 8.88 -0.88
CA HIS A 18 -15.44 8.34 -2.25
C HIS A 18 -15.12 6.84 -2.27
N GLN A 19 -14.05 6.43 -1.58
CA GLN A 19 -13.66 5.01 -1.60
C GLN A 19 -14.74 4.15 -0.91
N LEU A 20 -15.30 4.67 0.20
CA LEU A 20 -16.40 3.96 0.88
C LEU A 20 -17.61 3.81 -0.05
N ALA A 21 -17.95 4.88 -0.77
CA ALA A 21 -19.04 4.85 -1.76
C ALA A 21 -18.80 3.76 -2.81
N LEU A 22 -17.55 3.63 -3.23
CA LEU A 22 -17.17 2.62 -4.23
C LEU A 22 -17.32 1.23 -3.64
N PHE A 23 -16.94 1.08 -2.37
CA PHE A 23 -17.12 -0.19 -1.66
C PHE A 23 -18.60 -0.56 -1.64
N ASP A 24 -19.45 0.43 -1.43
CA ASP A 24 -20.87 0.15 -1.30
C ASP A 24 -21.55 -0.05 -2.66
N SER A 25 -20.75 -0.08 -3.74
CA SER A 25 -21.23 -0.17 -5.13
C SER A 25 -21.48 -1.61 -5.61
N GLN A 26 -22.16 -1.74 -6.75
CA GLN A 26 -22.50 -3.06 -7.32
C GLN A 26 -21.36 -3.63 -8.20
N THR A 27 -20.31 -4.14 -7.54
CA THR A 27 -19.14 -4.81 -8.15
C THR A 27 -19.37 -6.25 -7.65
N ASP A 28 -19.24 -7.33 -8.47
CA ASP A 28 -18.02 -8.23 -8.54
C ASP A 28 -16.65 -8.07 -7.88
N TRP A 29 -16.64 -8.24 -6.56
CA TRP A 29 -15.41 -8.27 -5.78
C TRP A 29 -14.68 -9.60 -5.95
N GLN A 30 -15.27 -10.50 -6.73
CA GLN A 30 -14.71 -11.84 -6.84
C GLN A 30 -14.03 -12.36 -8.12
N SER A 31 -14.16 -11.79 -9.34
CA SER A 31 -13.02 -11.13 -10.09
C SER A 31 -11.71 -11.08 -9.30
N GLU A 32 -10.64 -11.70 -9.79
CA GLU A 32 -9.35 -11.02 -10.09
C GLU A 32 -9.18 -9.51 -9.97
N ILE A 33 -9.79 -8.77 -10.89
CA ILE A 33 -9.76 -7.32 -10.82
C ILE A 33 -10.52 -6.81 -9.59
N GLY A 34 -11.66 -7.44 -9.31
CA GLY A 34 -12.44 -7.08 -8.12
C GLY A 34 -11.65 -7.27 -6.83
N GLU A 35 -10.91 -8.38 -6.73
CA GLU A 35 -10.09 -8.66 -5.53
C GLU A 35 -9.03 -7.59 -5.31
N LEU A 36 -8.37 -7.20 -6.39
CA LEU A 36 -7.32 -6.22 -6.36
C LEU A 36 -7.88 -4.86 -5.98
N ALA A 37 -9.02 -4.49 -6.57
CA ALA A 37 -9.65 -3.19 -6.25
C ALA A 37 -10.03 -3.14 -4.77
N LEU A 38 -10.58 -4.24 -4.24
CA LEU A 38 -11.00 -4.28 -2.85
C LEU A 38 -9.81 -4.16 -1.92
N GLN A 39 -8.69 -4.78 -2.27
CA GLN A 39 -7.44 -4.58 -1.46
C GLN A 39 -7.00 -3.11 -1.44
N ARG A 40 -7.07 -2.44 -2.59
CA ARG A 40 -6.71 -1.02 -2.62
C ARG A 40 -7.65 -0.18 -1.76
N ILE A 41 -8.95 -0.44 -1.87
CA ILE A 41 -9.94 0.25 -1.04
C ILE A 41 -9.64 0.06 0.46
N GLY A 42 -9.44 -1.19 0.88
CA GLY A 42 -9.09 -1.49 2.28
C GLY A 42 -7.88 -0.71 2.77
N HIS A 43 -6.82 -0.73 1.97
CA HIS A 43 -5.58 0.00 2.25
C HIS A 43 -5.87 1.50 2.40
N LEU A 44 -6.56 2.07 1.40
CA LEU A 44 -6.91 3.50 1.43
C LEU A 44 -7.77 3.92 2.63
N LEU A 45 -8.80 3.12 2.97
CA LEU A 45 -9.65 3.41 4.12
C LEU A 45 -8.80 3.49 5.41
N ILE A 46 -7.95 2.50 5.61
CA ILE A 46 -7.05 2.42 6.78
C ILE A 46 -6.11 3.63 6.84
N GLU A 47 -5.43 3.92 5.72
CA GLU A 47 -4.46 5.03 5.66
C GLU A 47 -5.11 6.38 5.94
N CYS A 48 -6.30 6.60 5.38
CA CYS A 48 -7.07 7.82 5.62
C CYS A 48 -7.40 7.97 7.11
N ILE A 49 -7.80 6.87 7.76
CA ILE A 49 -8.11 6.92 9.19
C ILE A 49 -6.86 7.25 10.00
N LEU A 50 -5.76 6.55 9.72
CA LEU A 50 -4.52 6.75 10.47
C LEU A 50 -3.95 8.16 10.27
N ASP A 51 -3.96 8.62 9.02
CA ASP A 51 -3.41 9.92 8.66
C ASP A 51 -4.24 11.03 9.29
N THR A 52 -5.56 10.90 9.19
CA THR A 52 -6.49 11.85 9.85
C THR A 52 -6.30 11.85 11.37
N GLY A 53 -6.25 10.65 11.94
CA GLY A 53 -5.99 10.51 13.39
C GLY A 53 -4.69 11.19 13.83
N ASN A 54 -3.60 10.91 13.13
CA ASN A 54 -2.32 11.60 13.40
C ASN A 54 -2.45 13.12 13.30
N ASP A 55 -3.10 13.60 12.23
CA ASP A 55 -3.27 15.05 12.04
C ASP A 55 -4.09 15.68 13.18
N MSE A 56 -5.14 14.97 13.60
CA MSE A 56 -5.96 15.38 14.75
C MSE A 56 -5.11 15.50 16.03
O MSE A 56 -5.13 16.49 16.76
CB MSE A 56 -7.07 14.35 15.01
CG MSE A 56 -8.19 14.29 14.00
SE MSE A 56 -9.43 15.58 14.32
CE MSE A 56 -9.00 16.51 13.37
N ILE A 57 -4.36 14.44 16.30
CA ILE A 57 -3.55 14.34 17.50
C ILE A 57 -2.49 15.44 17.53
N ASP A 58 -1.76 15.58 16.44
CA ASP A 58 -0.73 16.61 16.31
C ASP A 58 -1.31 18.02 16.44
N GLY A 59 -2.39 18.30 15.72
CA GLY A 59 -3.02 19.63 15.73
C GLY A 59 -3.62 20.04 17.07
N PHE A 60 -4.25 19.09 17.76
CA PHE A 60 -4.97 19.36 19.02
C PHE A 60 -4.18 18.99 20.27
N ILE A 61 -2.86 18.78 20.13
CA ILE A 61 -1.97 18.45 21.27
C ILE A 61 -2.55 17.32 22.12
N MSE A 62 -2.93 16.24 21.44
CA MSE A 62 -3.39 15.05 22.13
C MSE A 62 -2.17 14.21 22.51
O MSE A 62 -1.05 14.47 22.05
CB MSE A 62 -4.34 14.25 21.25
CG MSE A 62 -5.61 15.00 20.82
SE MSE A 62 -6.69 14.05 19.68
CE MSE A 62 -8.03 15.19 19.49
N ARG A 63 -2.38 13.19 23.34
CA ARG A 63 -1.31 12.28 23.70
C ARG A 63 -0.64 11.74 22.44
N ASP A 64 0.67 11.64 22.47
CA ASP A 64 1.41 11.15 21.32
C ASP A 64 1.31 9.61 21.22
N PRO A 65 0.93 9.09 20.03
CA PRO A 65 0.84 7.64 19.82
C PRO A 65 2.23 7.00 19.71
N GLY A 66 2.42 5.87 20.40
CA GLY A 66 3.67 5.10 20.29
C GLY A 66 3.79 4.45 18.93
N SER A 67 2.67 3.89 18.46
CA SER A 67 2.59 3.24 17.15
C SER A 67 1.26 3.63 16.49
N TYR A 68 1.12 3.36 15.20
CA TYR A 68 -0.16 3.65 14.53
C TYR A 68 -1.34 2.97 15.24
N ASP A 69 -1.07 1.86 15.93
CA ASP A 69 -2.11 1.11 16.63
C ASP A 69 -2.70 1.83 17.84
N ASP A 70 -2.00 2.85 18.35
CA ASP A 70 -2.43 3.62 19.52
C ASP A 70 -3.38 4.76 19.16
N ILE A 71 -3.37 5.15 17.90
CA ILE A 71 -4.15 6.29 17.40
C ILE A 71 -5.62 6.29 17.82
N MSE A 72 -6.30 5.14 17.64
CA MSE A 72 -7.74 5.09 17.88
C MSE A 72 -8.07 5.25 19.34
O MSE A 72 -9.04 5.93 19.70
CB MSE A 72 -8.36 3.77 17.37
CG MSE A 72 -8.31 3.62 15.86
SE MSE A 72 -9.18 5.07 14.83
CE MSE A 72 -10.66 5.44 16.05
N ASP A 73 -7.26 4.63 20.18
CA ASP A 73 -7.41 4.72 21.63
C ASP A 73 -7.34 6.18 22.10
N ILE A 74 -6.45 6.95 21.49
CA ILE A 74 -6.32 8.37 21.83
C ILE A 74 -7.55 9.18 21.38
N LEU A 75 -8.03 8.91 20.16
CA LEU A 75 -9.27 9.53 19.67
C LEU A 75 -10.48 9.17 20.54
N VAL A 76 -10.49 7.96 21.06
CA VAL A 76 -11.54 7.55 22.01
C VAL A 76 -11.41 8.35 23.33
N ASP A 77 -10.21 8.38 23.91
CA ASP A 77 -9.92 9.15 25.13
C ASP A 77 -10.37 10.61 25.00
N GLU A 78 -10.17 11.18 23.80
CA GLU A 78 -10.45 12.59 23.54
C GLU A 78 -11.90 12.80 23.09
N LYS A 79 -12.67 11.72 23.10
CA LYS A 79 -14.09 11.74 22.73
C LYS A 79 -14.33 12.24 21.29
N VAL A 80 -13.39 11.95 20.40
CA VAL A 80 -13.59 12.18 18.98
C VAL A 80 -14.58 11.14 18.42
N VAL A 81 -14.36 9.87 18.76
CA VAL A 81 -15.28 8.78 18.37
C VAL A 81 -15.72 8.04 19.64
N THR A 82 -16.81 7.26 19.56
CA THR A 82 -17.21 6.42 20.70
C THR A 82 -16.22 5.28 20.93
N GLU A 83 -16.23 4.72 22.15
CA GLU A 83 -15.45 3.53 22.46
C GLU A 83 -15.75 2.40 21.49
N LYS A 84 -17.03 2.13 21.23
CA LYS A 84 -17.38 1.04 20.31
C LYS A 84 -16.92 1.31 18.87
N GLU A 85 -17.11 2.54 18.39
CA GLU A 85 -16.56 2.94 17.10
C GLU A 85 -15.04 2.71 17.01
N GLY A 86 -14.33 3.10 18.07
CA GLY A 86 -12.88 2.93 18.14
C GLY A 86 -12.46 1.48 18.03
N ASP A 87 -13.13 0.60 18.77
CA ASP A 87 -12.85 -0.83 18.77
C ASP A 87 -13.08 -1.42 17.40
N GLU A 88 -14.19 -1.04 16.80
CA GLU A 88 -14.55 -1.50 15.45
C GLU A 88 -13.51 -1.08 14.42
N LEU A 89 -13.13 0.20 14.45
CA LEU A 89 -12.14 0.71 13.50
C LEU A 89 -10.78 0.03 13.72
N LYS A 90 -10.43 -0.25 14.97
CA LYS A 90 -9.20 -0.99 15.27
C LYS A 90 -9.16 -2.35 14.56
N LYS A 91 -10.30 -3.02 14.46
CA LYS A 91 -10.35 -4.36 13.84
C LYS A 91 -10.01 -4.30 12.35
N LEU A 92 -10.44 -3.23 11.67
CA LEU A 92 -10.04 -3.02 10.27
C LEU A 92 -8.57 -2.65 10.18
N ILE A 93 -8.13 -1.74 11.05
CA ILE A 93 -6.74 -1.30 11.06
C ILE A 93 -5.75 -2.47 11.25
N ALA A 94 -6.18 -3.47 12.01
CA ALA A 94 -5.36 -4.66 12.23
C ALA A 94 -5.03 -5.41 10.93
N TYR A 95 -5.79 -5.13 9.86
CA TYR A 95 -5.51 -5.73 8.55
C TYR A 95 -4.37 -5.04 7.76
N ARG A 96 -3.90 -3.90 8.25
CA ARG A 96 -2.90 -3.10 7.53
C ARG A 96 -1.64 -3.89 7.21
N LYS A 97 -1.11 -4.61 8.18
CA LYS A 97 0.15 -5.34 7.96
C LYS A 97 0.03 -6.36 6.84
N THR A 98 -1.11 -7.04 6.77
CA THR A 98 -1.37 -7.97 5.68
C THR A 98 -1.39 -7.27 4.32
N LEU A 99 -2.03 -6.10 4.27
CA LEU A 99 -2.15 -5.36 3.01
C LEU A 99 -0.84 -4.76 2.52
N VAL A 100 0.00 -4.28 3.45
CA VAL A 100 1.20 -3.52 3.08
C VAL A 100 2.52 -4.28 3.19
N GLN A 101 2.56 -5.28 4.07
CA GLN A 101 3.79 -6.00 4.35
C GLN A 101 3.70 -7.49 3.99
N GLN A 102 2.63 -8.15 4.40
CA GLN A 102 2.48 -9.58 4.15
C GLN A 102 1.43 -9.82 3.07
N TYR A 103 1.65 -9.17 1.92
CA TYR A 103 0.65 -9.08 0.88
C TYR A 103 0.41 -10.42 0.16
N LEU A 104 1.35 -11.36 0.26
CA LEU A 104 1.09 -12.72 -0.27
C LEU A 104 -0.10 -13.38 0.43
N LEU A 105 -0.36 -12.94 1.65
CA LEU A 105 -1.42 -13.50 2.50
C LEU A 105 -2.78 -12.79 2.40
N ALA A 106 -2.82 -11.67 1.67
CA ALA A 106 -4.07 -10.91 1.55
C ALA A 106 -5.20 -11.78 1.00
N ASP A 107 -6.38 -11.66 1.63
CA ASP A 107 -7.55 -12.47 1.31
C ASP A 107 -8.71 -11.51 1.14
N SER A 108 -9.07 -11.23 -0.12
CA SER A 108 -10.11 -10.25 -0.39
C SER A 108 -11.50 -10.61 0.17
N GLY A 109 -11.80 -11.90 0.31
CA GLY A 109 -13.10 -12.29 0.91
C GLY A 109 -13.17 -11.92 2.38
N GLU A 110 -12.08 -12.22 3.09
CA GLU A 110 -11.87 -11.86 4.48
C GLU A 110 -12.00 -10.33 4.66
N LEU A 111 -11.31 -9.59 3.79
CA LEU A 111 -11.30 -8.14 3.86
C LEU A 111 -12.70 -7.57 3.60
N TYR A 112 -13.39 -8.10 2.58
CA TYR A 112 -14.78 -7.72 2.34
C TYR A 112 -15.63 -7.84 3.61
N ARG A 113 -15.52 -8.99 4.29
CA ARG A 113 -16.33 -9.25 5.47
C ARG A 113 -15.99 -8.29 6.58
N LEU A 114 -14.70 -7.96 6.69
CA LEU A 114 -14.22 -7.02 7.68
C LEU A 114 -14.80 -5.61 7.49
N ILE A 115 -14.69 -5.10 6.28
CA ILE A 115 -15.21 -3.79 5.94
C ILE A 115 -16.73 -3.75 6.12
N LYS A 116 -17.42 -4.78 5.62
CA LYS A 116 -18.88 -4.85 5.72
C LYS A 116 -19.32 -4.81 7.18
N ALA A 117 -18.65 -5.60 8.01
CA ALA A 117 -18.97 -5.71 9.43
C ALA A 117 -18.89 -4.37 10.16
N HIS A 118 -18.02 -3.48 9.69
CA HIS A 118 -17.78 -2.20 10.36
C HIS A 118 -18.17 -1.02 9.49
N GLN A 119 -19.08 -1.25 8.54
CA GLN A 119 -19.41 -0.22 7.56
C GLN A 119 -20.05 1.02 8.21
N THR A 120 -20.92 0.82 9.19
CA THR A 120 -21.54 1.97 9.88
C THR A 120 -20.51 2.86 10.60
N ALA A 121 -19.60 2.27 11.37
CA ALA A 121 -18.51 3.02 12.02
C ALA A 121 -17.65 3.72 10.96
N LEU A 122 -17.39 3.03 9.85
CA LEU A 122 -16.64 3.67 8.74
C LEU A 122 -17.36 4.91 8.18
N GLN A 123 -18.65 4.77 7.86
CA GLN A 123 -19.47 5.87 7.38
C GLN A 123 -19.51 7.05 8.35
N ASP A 124 -19.54 6.74 9.64
CA ASP A 124 -19.63 7.77 10.67
C ASP A 124 -18.32 8.48 11.00
N PHE A 125 -17.19 7.87 10.63
CA PHE A 125 -15.87 8.43 10.97
C PHE A 125 -15.67 9.89 10.47
N PRO A 126 -15.95 10.17 9.18
CA PRO A 126 -15.84 11.56 8.71
C PRO A 126 -16.76 12.52 9.46
N LYS A 127 -17.98 12.08 9.77
CA LYS A 127 -18.92 12.89 10.55
C LYS A 127 -18.33 13.26 11.94
N ARG A 128 -17.79 12.28 12.65
CA ARG A 128 -17.14 12.51 13.95
C ARG A 128 -16.01 13.52 13.83
N ILE A 129 -15.15 13.34 12.84
CA ILE A 129 -14.04 14.27 12.65
C ILE A 129 -14.52 15.70 12.36
N ARG A 130 -15.48 15.83 11.44
CA ARG A 130 -15.99 17.14 11.08
C ARG A 130 -16.68 17.84 12.24
N SER A 131 -17.47 17.11 13.04
CA SER A 131 -18.13 17.70 14.23
C SER A 131 -17.10 18.22 15.21
N TYR A 132 -16.05 17.45 15.43
CA TYR A 132 -14.97 17.86 16.31
C TYR A 132 -14.28 19.12 15.79
N LEU A 133 -13.95 19.14 14.51
CA LEU A 133 -13.35 20.31 13.87
C LEU A 133 -14.24 21.55 14.01
N GLU A 134 -15.53 21.38 13.71
CA GLU A 134 -16.49 22.48 13.77
C GLU A 134 -16.66 23.00 15.19
N THR A 135 -16.71 22.08 16.15
CA THR A 135 -16.85 22.44 17.57
C THR A 135 -15.63 23.17 18.11
N GLU A 136 -14.43 22.72 17.74
CA GLU A 136 -13.22 23.26 18.30
C GLU A 136 -12.64 24.44 17.55
N LEU A 137 -12.84 24.49 16.23
CA LEU A 137 -12.23 25.52 15.39
C LEU A 137 -13.27 26.42 14.71
N GLY A 138 -14.53 26.04 14.80
CA GLY A 138 -15.58 26.76 14.10
C GLY A 138 -15.73 26.29 12.65
N PRO A 139 -16.55 27.01 11.88
CA PRO A 139 -16.97 26.55 10.55
C PRO A 139 -15.93 26.70 9.42
N VAL A 140 -14.86 27.46 9.64
CA VAL A 140 -14.04 27.93 8.53
C VAL A 140 -12.53 27.75 8.69
N SER A 141 -12.03 28.07 9.89
CA SER A 141 -10.58 28.22 10.09
C SER A 141 -9.85 26.97 10.54
N ALA A 142 -8.57 26.90 10.18
CA ALA A 142 -7.67 25.83 10.62
C ALA A 142 -7.10 26.10 12.00
N PHE A 143 -7.24 27.33 12.52
CA PHE A 143 -6.62 27.69 13.81
C PHE A 143 -7.64 28.16 14.87
N MSE B 1 28.33 -20.97 2.86
CA MSE B 1 28.70 -19.53 2.70
C MSE B 1 27.46 -18.65 2.69
O MSE B 1 27.37 -17.68 3.47
CB MSE B 1 29.52 -19.30 1.41
CG MSE B 1 30.70 -18.31 1.57
SE MSE B 1 31.22 -17.44 0.07
CE MSE B 1 31.27 -18.76 -1.14
N TYR B 2 26.52 -18.97 1.81
CA TYR B 2 25.30 -18.16 1.65
C TYR B 2 24.07 -18.94 2.05
N PHE B 3 23.25 -18.29 2.87
CA PHE B 3 21.97 -18.80 3.32
C PHE B 3 20.91 -17.83 2.82
N VAL B 4 20.29 -18.22 1.72
CA VAL B 4 19.39 -17.34 0.99
C VAL B 4 17.95 -17.77 1.23
N ASP B 5 17.05 -16.82 1.40
CA ASP B 5 15.62 -17.15 1.60
C ASP B 5 14.99 -17.45 0.23
N ARG B 6 15.40 -18.57 -0.34
CA ARG B 6 15.02 -18.89 -1.71
C ARG B 6 13.54 -19.18 -1.86
N SER B 7 12.94 -19.81 -0.86
CA SER B 7 11.50 -20.09 -0.91
C SER B 7 10.67 -18.80 -0.88
N LYS B 8 11.07 -17.85 -0.05
CA LYS B 8 10.38 -16.54 -0.03
C LYS B 8 10.55 -15.85 -1.38
N ILE B 9 11.79 -15.80 -1.88
CA ILE B 9 12.07 -15.16 -3.18
C ILE B 9 11.24 -15.81 -4.28
N GLU B 10 11.30 -17.15 -4.38
CA GLU B 10 10.61 -17.84 -5.47
C GLU B 10 9.08 -17.66 -5.45
N LYS B 11 8.50 -17.73 -4.26
CA LYS B 11 7.06 -17.50 -4.09
C LYS B 11 6.71 -16.05 -4.38
N THR B 12 7.60 -15.14 -4.03
CA THR B 12 7.37 -13.72 -4.32
C THR B 12 7.41 -13.46 -5.84
N LEU B 13 8.37 -14.09 -6.54
CA LEU B 13 8.43 -13.98 -8.01
C LEU B 13 7.16 -14.50 -8.68
N GLY B 14 6.68 -15.65 -8.20
CA GLY B 14 5.44 -16.26 -8.71
C GLY B 14 4.26 -15.30 -8.60
N PHE B 15 4.11 -14.69 -7.43
CA PHE B 15 3.04 -13.73 -7.15
C PHE B 15 3.21 -12.51 -8.07
N PHE B 16 4.44 -12.02 -8.18
CA PHE B 16 4.80 -10.92 -9.10
C PHE B 16 4.36 -11.20 -10.54
N GLU B 17 4.70 -12.39 -11.05
CA GLU B 17 4.37 -12.76 -12.43
C GLU B 17 2.87 -12.84 -12.62
N HIS B 18 2.16 -13.28 -11.58
CA HIS B 18 0.71 -13.35 -11.63
C HIS B 18 0.08 -11.96 -11.79
N GLN B 19 0.55 -10.99 -11.02
CA GLN B 19 0.01 -9.61 -11.09
C GLN B 19 0.37 -8.96 -12.42
N LEU B 20 1.60 -9.18 -12.87
CA LEU B 20 2.02 -8.66 -14.17
C LEU B 20 1.14 -9.20 -15.31
N ALA B 21 0.82 -10.49 -15.24
CA ALA B 21 -0.08 -11.12 -16.21
C ALA B 21 -1.51 -10.55 -16.17
N LEU B 22 -1.96 -10.11 -14.99
CA LEU B 22 -3.26 -9.48 -14.87
C LEU B 22 -3.24 -8.09 -15.51
N PHE B 23 -2.08 -7.44 -15.49
CA PHE B 23 -1.96 -6.12 -16.13
C PHE B 23 -2.08 -6.27 -17.63
N ASP B 24 -1.28 -7.16 -18.20
CA ASP B 24 -1.36 -7.46 -19.62
C ASP B 24 -2.64 -8.22 -19.97
N SER B 25 -3.78 -7.59 -19.70
CA SER B 25 -5.07 -8.17 -20.05
C SER B 25 -5.94 -7.10 -20.71
N GLN B 26 -7.10 -7.55 -21.19
CA GLN B 26 -8.12 -6.69 -21.79
C GLN B 26 -9.05 -6.23 -20.67
N THR B 27 -8.61 -5.16 -20.00
CA THR B 27 -9.29 -4.63 -18.83
C THR B 27 -9.33 -3.12 -18.97
N ASP B 28 -10.46 -2.52 -18.56
CA ASP B 28 -10.60 -1.08 -18.57
C ASP B 28 -10.07 -0.52 -17.24
N TRP B 29 -8.81 -0.07 -17.25
CA TRP B 29 -8.16 0.44 -16.03
C TRP B 29 -8.58 1.88 -15.67
N GLN B 30 -9.44 2.49 -16.50
CA GLN B 30 -9.91 3.85 -16.30
C GLN B 30 -11.23 3.93 -15.55
N SER B 31 -11.92 2.81 -15.43
CA SER B 31 -13.15 2.75 -14.62
C SER B 31 -12.80 2.98 -13.15
N GLU B 32 -13.79 3.32 -12.33
CA GLU B 32 -13.51 3.56 -10.90
C GLU B 32 -12.88 2.33 -10.22
N ILE B 33 -13.44 1.16 -10.50
CA ILE B 33 -12.88 -0.11 -10.00
C ILE B 33 -11.54 -0.42 -10.68
N GLY B 34 -11.45 -0.21 -11.99
CA GLY B 34 -10.22 -0.51 -12.73
C GLY B 34 -9.04 0.30 -12.20
N GLU B 35 -9.30 1.58 -11.92
CA GLU B 35 -8.27 2.51 -11.42
C GLU B 35 -7.70 1.98 -10.12
N LEU B 36 -8.57 1.48 -9.25
CA LEU B 36 -8.15 0.97 -7.94
C LEU B 36 -7.34 -0.31 -8.10
N ALA B 37 -7.79 -1.17 -9.00
CA ALA B 37 -7.11 -2.45 -9.26
C ALA B 37 -5.69 -2.17 -9.77
N LEU B 38 -5.55 -1.23 -10.70
CA LEU B 38 -4.22 -0.94 -11.27
C LEU B 38 -3.28 -0.39 -10.21
N GLN B 39 -3.81 0.50 -9.34
CA GLN B 39 -3.01 1.00 -8.18
C GLN B 39 -2.49 -0.14 -7.32
N ARG B 40 -3.35 -1.12 -7.04
CA ARG B 40 -2.94 -2.28 -6.23
C ARG B 40 -1.85 -3.06 -6.97
N ILE B 41 -2.07 -3.29 -8.27
CA ILE B 41 -1.06 -4.00 -9.08
C ILE B 41 0.28 -3.26 -9.03
N GLY B 42 0.25 -1.95 -9.22
CA GLY B 42 1.48 -1.14 -9.23
C GLY B 42 2.24 -1.23 -7.90
N HIS B 43 1.48 -1.10 -6.81
CA HIS B 43 2.00 -1.24 -5.44
C HIS B 43 2.64 -2.62 -5.27
N LEU B 44 1.90 -3.68 -5.62
CA LEU B 44 2.39 -5.06 -5.52
C LEU B 44 3.66 -5.30 -6.32
N LEU B 45 3.71 -4.80 -7.56
CA LEU B 45 4.89 -5.01 -8.42
C LEU B 45 6.11 -4.38 -7.74
N ILE B 46 5.93 -3.15 -7.27
CA ILE B 46 7.02 -2.43 -6.62
C ILE B 46 7.49 -3.17 -5.35
N GLU B 47 6.55 -3.60 -4.50
CA GLU B 47 6.93 -4.26 -3.26
C GLU B 47 7.63 -5.59 -3.51
N CYS B 48 7.15 -6.35 -4.49
CA CYS B 48 7.82 -7.60 -4.89
C CYS B 48 9.28 -7.38 -5.29
N ILE B 49 9.53 -6.32 -6.06
CA ILE B 49 10.89 -6.00 -6.50
C ILE B 49 11.77 -5.64 -5.31
N LEU B 50 11.28 -4.75 -4.45
CA LEU B 50 12.08 -4.28 -3.30
C LEU B 50 12.36 -5.41 -2.30
N ASP B 51 11.33 -6.20 -2.01
CA ASP B 51 11.48 -7.32 -1.05
C ASP B 51 12.43 -8.36 -1.59
N THR B 52 12.27 -8.74 -2.87
CA THR B 52 13.18 -9.70 -3.50
C THR B 52 14.61 -9.13 -3.51
N GLY B 53 14.76 -7.87 -3.90
CA GLY B 53 16.04 -7.16 -3.82
C GLY B 53 16.67 -7.25 -2.44
N ASN B 54 15.93 -6.84 -1.41
CA ASN B 54 16.36 -6.99 -0.02
C ASN B 54 16.76 -8.42 0.36
N ASP B 55 15.97 -9.41 -0.06
CA ASP B 55 16.29 -10.83 0.24
C ASP B 55 17.58 -11.28 -0.48
N MSE B 56 17.73 -10.88 -1.73
CA MSE B 56 18.98 -11.13 -2.47
C MSE B 56 20.20 -10.52 -1.75
O MSE B 56 21.20 -11.20 -1.50
CB MSE B 56 18.87 -10.59 -3.91
CG MSE B 56 17.83 -11.28 -4.73
SE MSE B 56 18.29 -13.15 -5.12
CE MSE B 56 19.54 -12.83 -6.63
N ILE B 57 20.08 -9.25 -1.39
CA ILE B 57 21.15 -8.50 -0.72
C ILE B 57 21.54 -9.15 0.62
N ASP B 58 20.54 -9.54 1.39
CA ASP B 58 20.76 -10.17 2.70
C ASP B 58 21.38 -11.55 2.52
N GLY B 59 20.83 -12.33 1.63
CA GLY B 59 21.29 -13.68 1.39
C GLY B 59 22.71 -13.75 0.85
N PHE B 60 23.02 -12.89 -0.11
CA PHE B 60 24.32 -12.92 -0.74
C PHE B 60 25.34 -11.98 -0.13
N ILE B 61 24.98 -11.40 1.00
CA ILE B 61 25.84 -10.49 1.72
C ILE B 61 26.37 -9.36 0.84
N MSE B 62 25.44 -8.73 0.12
CA MSE B 62 25.77 -7.62 -0.77
C MSE B 62 25.78 -6.36 0.09
O MSE B 62 25.44 -6.41 1.27
CB MSE B 62 24.74 -7.51 -1.91
CG MSE B 62 24.63 -8.71 -2.86
SE MSE B 62 23.21 -8.57 -3.98
CE MSE B 62 23.36 -10.08 -4.93
N ARG B 63 26.16 -5.22 -0.50
CA ARG B 63 26.17 -3.93 0.21
C ARG B 63 24.81 -3.59 0.86
N ASP B 64 24.86 -3.05 2.07
CA ASP B 64 23.65 -2.63 2.77
C ASP B 64 23.05 -1.36 2.17
N PRO B 65 21.77 -1.43 1.72
CA PRO B 65 21.18 -0.25 1.10
C PRO B 65 20.75 0.78 2.14
N GLY B 66 20.80 2.06 1.76
CA GLY B 66 20.29 3.14 2.59
C GLY B 66 19.13 3.82 1.89
N SER B 67 18.73 3.26 0.75
CA SER B 67 17.65 3.78 -0.09
C SER B 67 17.03 2.64 -0.90
N TYR B 68 15.80 2.83 -1.39
CA TYR B 68 15.20 1.88 -2.33
C TYR B 68 15.97 1.97 -3.63
N ASP B 69 16.35 3.19 -4.01
CA ASP B 69 17.17 3.41 -5.19
C ASP B 69 18.45 2.64 -5.05
N ASP B 70 18.94 2.58 -3.81
CA ASP B 70 20.16 1.85 -3.55
C ASP B 70 19.97 0.36 -3.78
N ILE B 71 18.79 -0.19 -3.46
CA ILE B 71 18.56 -1.63 -3.67
C ILE B 71 18.83 -1.99 -5.13
N MSE B 72 18.19 -1.27 -6.05
CA MSE B 72 18.39 -1.51 -7.46
C MSE B 72 19.82 -1.26 -7.89
O MSE B 72 20.37 -2.02 -8.68
CB MSE B 72 17.42 -0.68 -8.31
CG MSE B 72 17.34 -1.18 -9.75
SE MSE B 72 16.78 -3.08 -9.87
CE MSE B 72 15.39 -2.88 -8.57
N ASP B 73 20.44 -0.20 -7.38
CA ASP B 73 21.83 0.11 -7.71
C ASP B 73 22.77 -1.01 -7.28
N ILE B 74 22.48 -1.58 -6.11
CA ILE B 74 23.30 -2.70 -5.61
C ILE B 74 23.13 -3.93 -6.48
N LEU B 75 21.87 -4.25 -6.84
CA LEU B 75 21.61 -5.34 -7.79
C LEU B 75 22.34 -5.12 -9.12
N VAL B 76 22.37 -3.87 -9.60
CA VAL B 76 23.16 -3.55 -10.79
C VAL B 76 24.66 -3.79 -10.55
N ASP B 77 25.17 -3.29 -9.42
CA ASP B 77 26.59 -3.44 -9.07
C ASP B 77 27.02 -4.90 -9.02
N GLU B 78 26.13 -5.74 -8.49
CA GLU B 78 26.38 -7.17 -8.32
C GLU B 78 26.08 -8.00 -9.57
N LYS B 79 25.71 -7.33 -10.66
CA LYS B 79 25.47 -7.97 -11.96
C LYS B 79 24.26 -8.93 -11.94
N VAL B 80 23.24 -8.57 -11.15
CA VAL B 80 21.98 -9.32 -11.05
C VAL B 80 21.06 -8.92 -12.19
N VAL B 81 20.94 -7.61 -12.43
CA VAL B 81 20.19 -7.06 -13.57
C VAL B 81 21.14 -6.15 -14.36
N THR B 82 20.79 -5.84 -15.61
CA THR B 82 21.60 -4.91 -16.42
C THR B 82 21.46 -3.48 -15.88
N GLU B 83 22.44 -2.63 -16.20
CA GLU B 83 22.35 -1.22 -15.79
C GLU B 83 21.05 -0.58 -16.30
N LYS B 84 20.67 -0.86 -17.54
CA LYS B 84 19.46 -0.30 -18.11
C LYS B 84 18.19 -0.84 -17.42
N GLU B 85 18.15 -2.14 -17.15
CA GLU B 85 17.04 -2.72 -16.40
C GLU B 85 16.91 -2.08 -15.03
N GLY B 86 18.04 -1.90 -14.35
CA GLY B 86 18.07 -1.17 -13.08
C GLY B 86 17.45 0.22 -13.19
N ASP B 87 17.87 0.96 -14.21
CA ASP B 87 17.34 2.30 -14.45
C ASP B 87 15.84 2.28 -14.70
N GLU B 88 15.37 1.34 -15.53
CA GLU B 88 13.95 1.25 -15.85
C GLU B 88 13.10 0.94 -14.61
N LEU B 89 13.58 0.01 -13.80
CA LEU B 89 12.84 -0.39 -12.59
C LEU B 89 12.77 0.71 -11.54
N LYS B 90 13.85 1.50 -11.43
CA LYS B 90 13.89 2.66 -10.55
C LYS B 90 12.85 3.70 -10.91
N LYS B 91 12.55 3.84 -12.20
CA LYS B 91 11.46 4.74 -12.64
C LYS B 91 10.10 4.30 -12.13
N LEU B 92 9.85 2.98 -12.11
CA LEU B 92 8.60 2.51 -11.51
C LEU B 92 8.65 2.67 -9.98
N ILE B 93 9.79 2.35 -9.37
CA ILE B 93 9.93 2.44 -7.92
C ILE B 93 9.74 3.89 -7.44
N ALA B 94 10.07 4.84 -8.30
CA ALA B 94 9.87 6.27 -8.03
C ALA B 94 8.41 6.63 -7.74
N TYR B 95 7.47 5.75 -8.13
CA TYR B 95 6.05 6.03 -7.91
C TYR B 95 5.54 5.51 -6.56
N ARG B 96 6.40 4.83 -5.82
CA ARG B 96 5.97 4.16 -4.61
C ARG B 96 5.42 5.18 -3.63
N LYS B 97 6.12 6.31 -3.47
CA LYS B 97 5.71 7.31 -2.48
C LYS B 97 4.29 7.78 -2.75
N THR B 98 3.97 7.96 -4.03
CA THR B 98 2.64 8.38 -4.42
C THR B 98 1.60 7.31 -4.07
N LEU B 99 1.93 6.05 -4.35
CA LEU B 99 1.00 4.96 -4.07
C LEU B 99 0.78 4.69 -2.58
N VAL B 100 1.82 4.83 -1.78
CA VAL B 100 1.73 4.41 -0.37
C VAL B 100 1.58 5.54 0.64
N GLN B 101 2.04 6.74 0.30
CA GLN B 101 2.06 7.87 1.23
C GLN B 101 1.23 9.03 0.73
N GLN B 102 1.43 9.45 -0.52
CA GLN B 102 0.72 10.61 -1.08
C GLN B 102 -0.42 10.17 -1.99
N TYR B 103 -1.26 9.28 -1.47
CA TYR B 103 -2.25 8.56 -2.26
C TYR B 103 -3.39 9.43 -2.78
N LEU B 104 -3.53 10.65 -2.24
CA LEU B 104 -4.51 11.59 -2.82
C LEU B 104 -4.07 12.04 -4.22
N LEU B 105 -2.76 11.90 -4.49
CA LEU B 105 -2.16 12.34 -5.75
C LEU B 105 -1.98 11.22 -6.79
N ALA B 106 -2.31 10.00 -6.41
CA ALA B 106 -2.17 8.85 -7.29
C ALA B 106 -3.03 9.03 -8.53
N ASP B 107 -2.44 8.74 -9.68
CA ASP B 107 -3.04 8.95 -10.99
C ASP B 107 -2.87 7.65 -11.74
N SER B 108 -3.97 6.93 -11.93
CA SER B 108 -3.86 5.60 -12.52
C SER B 108 -3.41 5.64 -13.99
N GLY B 109 -3.69 6.75 -14.68
CA GLY B 109 -3.19 6.98 -16.03
C GLY B 109 -1.67 7.10 -16.08
N GLU B 110 -1.13 7.88 -15.14
CA GLU B 110 0.32 8.00 -14.98
C GLU B 110 0.96 6.64 -14.69
N LEU B 111 0.31 5.86 -13.82
CA LEU B 111 0.81 4.56 -13.44
C LEU B 111 0.78 3.56 -14.60
N TYR B 112 -0.33 3.58 -15.35
CA TYR B 112 -0.45 2.72 -16.53
C TYR B 112 0.73 2.98 -17.46
N ARG B 113 1.01 4.25 -17.73
CA ARG B 113 2.07 4.64 -18.65
C ARG B 113 3.44 4.19 -18.16
N LEU B 114 3.66 4.32 -16.86
CA LEU B 114 4.88 3.88 -16.21
C LEU B 114 5.12 2.36 -16.35
N ILE B 115 4.10 1.56 -16.03
CA ILE B 115 4.22 0.11 -16.12
C ILE B 115 4.41 -0.33 -17.58
N LYS B 116 3.63 0.27 -18.48
CA LYS B 116 3.72 -0.04 -19.91
C LYS B 116 5.09 0.24 -20.49
N ALA B 117 5.65 1.40 -20.15
CA ALA B 117 6.96 1.83 -20.63
C ALA B 117 8.05 0.86 -20.22
N HIS B 118 7.87 0.16 -19.10
CA HIS B 118 8.93 -0.66 -18.54
C HIS B 118 8.53 -2.13 -18.43
N GLN B 119 7.59 -2.54 -19.28
CA GLN B 119 6.98 -3.86 -19.19
C GLN B 119 8.00 -4.98 -19.41
N THR B 120 8.86 -4.81 -20.40
CA THR B 120 9.91 -5.78 -20.68
C THR B 120 10.90 -5.98 -19.51
N ALA B 121 11.39 -4.87 -18.95
CA ALA B 121 12.26 -4.91 -17.76
C ALA B 121 11.55 -5.64 -16.61
N LEU B 122 10.24 -5.40 -16.48
CA LEU B 122 9.44 -6.06 -15.46
C LEU B 122 9.33 -7.56 -15.71
N GLN B 123 8.99 -7.93 -16.94
CA GLN B 123 8.87 -9.34 -17.33
C GLN B 123 10.20 -10.08 -17.13
N ASP B 124 11.31 -9.41 -17.39
CA ASP B 124 12.62 -10.04 -17.28
C ASP B 124 13.16 -10.08 -15.85
N PHE B 125 12.59 -9.30 -14.95
CA PHE B 125 13.12 -9.25 -13.57
C PHE B 125 13.20 -10.64 -12.91
N PRO B 126 12.08 -11.41 -12.89
CA PRO B 126 12.13 -12.76 -12.31
C PRO B 126 13.15 -13.68 -13.00
N LYS B 127 13.25 -13.59 -14.33
CA LYS B 127 14.26 -14.34 -15.08
C LYS B 127 15.67 -14.06 -14.58
N ARG B 128 16.00 -12.77 -14.42
CA ARG B 128 17.26 -12.32 -13.86
C ARG B 128 17.53 -12.92 -12.49
N ILE B 129 16.52 -12.86 -11.61
CA ILE B 129 16.67 -13.35 -10.25
C ILE B 129 16.90 -14.87 -10.25
N ARG B 130 16.04 -15.60 -10.97
CA ARG B 130 16.16 -17.07 -11.04
C ARG B 130 17.53 -17.49 -11.59
N SER B 131 17.99 -16.80 -12.63
CA SER B 131 19.28 -17.08 -13.27
C SER B 131 20.43 -16.93 -12.28
N TYR B 132 20.37 -15.88 -11.47
CA TYR B 132 21.40 -15.63 -10.47
C TYR B 132 21.36 -16.70 -9.39
N LEU B 133 20.16 -17.04 -8.92
CA LEU B 133 19.96 -18.10 -7.94
C LEU B 133 20.52 -19.43 -8.45
N GLU B 134 20.18 -19.78 -9.69
CA GLU B 134 20.66 -21.03 -10.31
C GLU B 134 22.19 -21.10 -10.37
N THR B 135 22.80 -20.02 -10.85
CA THR B 135 24.25 -19.94 -10.97
C THR B 135 24.94 -20.04 -9.62
N GLU B 136 24.44 -19.28 -8.64
CA GLU B 136 25.09 -19.23 -7.33
C GLU B 136 24.75 -20.38 -6.40
N LEU B 137 23.55 -20.94 -6.52
CA LEU B 137 23.08 -21.97 -5.57
C LEU B 137 22.80 -23.35 -6.18
N GLY B 138 22.74 -23.44 -7.50
CA GLY B 138 22.26 -24.65 -8.17
C GLY B 138 20.75 -24.69 -8.28
N PRO B 139 20.21 -25.78 -8.88
CA PRO B 139 18.79 -25.87 -9.22
C PRO B 139 17.85 -26.20 -8.04
N VAL B 140 18.38 -26.55 -6.88
CA VAL B 140 17.54 -27.11 -5.78
C VAL B 140 17.63 -26.36 -4.44
N SER B 141 18.85 -26.14 -3.95
CA SER B 141 19.09 -25.73 -2.57
C SER B 141 19.04 -24.23 -2.36
N ALA B 142 18.63 -23.82 -1.16
CA ALA B 142 18.63 -22.41 -0.76
C ALA B 142 20.00 -21.99 -0.24
N PHE B 143 20.87 -22.95 0.06
CA PHE B 143 22.17 -22.65 0.71
C PHE B 143 23.37 -23.02 -0.18
#